data_1H2F
#
_entry.id   1H2F
#
_cell.length_a   55.758
_cell.length_b   55.758
_cell.length_c   163.586
_cell.angle_alpha   90.00
_cell.angle_beta   90.00
_cell.angle_gamma   90.00
#
_symmetry.space_group_name_H-M   'P 41 21 2'
#
loop_
_entity.id
_entity.type
_entity.pdbx_description
1 polymer PHOSPHATASE
2 non-polymer TRIVANADATE
3 non-polymer 'PHOSPHATE ION'
4 water water
#
_entity_poly.entity_id   1
_entity_poly.type   'polypeptide(L)'
_entity_poly.pdbx_seq_one_letter_code
;ATTLYLTRHGETKWNVERRMQGWQDSPLTEKGRQDAMRLGKRLEAVELAAIYTSTSGRALETAEIVRGGRLIPIYQDERL
REIHLGDWEGKTHDEIRQMDPIAFDHFWQAPHLYAPQRGERFCDVQQRALEAVQSIVDRHEGETVLIVTHGVVLKTLMAA
FKDTPLDHLWSPPYMYGTSVTIIEVDGGTFHVAVEGDVSHIEEVKEV
;
_entity_poly.pdbx_strand_id   A
#
# COMPACT_ATOMS: atom_id res chain seq x y z
N ALA A 1 15.46 3.05 -16.25
CA ALA A 1 15.80 1.71 -15.73
C ALA A 1 15.78 1.71 -14.20
N THR A 2 14.62 1.38 -13.62
CA THR A 2 14.46 1.34 -12.18
C THR A 2 13.62 0.15 -11.76
N THR A 3 14.00 -0.52 -10.68
CA THR A 3 13.22 -1.65 -10.18
C THR A 3 12.49 -1.22 -8.90
N LEU A 4 11.17 -1.38 -8.88
CA LEU A 4 10.38 -1.00 -7.71
C LEU A 4 9.71 -2.18 -7.00
N TYR A 5 10.02 -2.32 -5.72
CA TYR A 5 9.41 -3.36 -4.90
C TYR A 5 8.30 -2.61 -4.16
N LEU A 6 7.07 -3.10 -4.24
CA LEU A 6 5.94 -2.47 -3.56
C LEU A 6 5.33 -3.43 -2.54
N THR A 7 4.99 -2.92 -1.37
CA THR A 7 4.37 -3.77 -0.36
C THR A 7 3.34 -3.01 0.47
N ARG A 8 2.65 -3.73 1.34
CA ARG A 8 1.61 -3.15 2.18
C ARG A 8 2.00 -3.28 3.66
N HIS A 9 1.55 -2.34 4.49
CA HIS A 9 1.84 -2.37 5.92
C HIS A 9 1.41 -3.71 6.53
N GLY A 10 2.12 -4.15 7.55
CA GLY A 10 1.76 -5.41 8.20
C GLY A 10 0.41 -5.31 8.91
N GLU A 11 -0.07 -6.44 9.40
CA GLU A 11 -1.36 -6.48 10.10
C GLU A 11 -1.37 -5.58 11.33
N THR A 12 -2.38 -4.71 11.42
CA THR A 12 -2.50 -3.82 12.57
C THR A 12 -3.64 -4.26 13.47
N LYS A 13 -3.81 -3.55 14.57
CA LYS A 13 -4.86 -3.88 15.51
C LYS A 13 -6.23 -3.65 14.89
N TRP A 14 -6.41 -2.51 14.23
CA TRP A 14 -7.67 -2.19 13.58
C TRP A 14 -7.99 -3.12 12.41
N ASN A 15 -6.96 -3.64 11.75
CA ASN A 15 -7.16 -4.59 10.66
C ASN A 15 -7.93 -5.76 11.26
N VAL A 16 -7.41 -6.28 12.38
CA VAL A 16 -8.05 -7.40 13.08
C VAL A 16 -9.48 -7.08 13.50
N GLU A 17 -9.69 -5.88 14.05
CA GLU A 17 -11.00 -5.45 14.50
C GLU A 17 -11.91 -4.98 13.38
N ARG A 18 -11.43 -5.06 12.14
CA ARG A 18 -12.22 -4.65 10.98
C ARG A 18 -12.63 -3.18 11.07
N ARG A 19 -11.71 -2.35 11.56
CA ARG A 19 -11.93 -0.91 11.69
C ARG A 19 -11.11 -0.19 10.62
N MET A 20 -11.77 0.65 9.83
CA MET A 20 -11.06 1.39 8.80
C MET A 20 -10.12 2.42 9.41
N GLN A 21 -8.91 2.50 8.84
CA GLN A 21 -7.90 3.42 9.36
C GLN A 21 -7.78 4.74 8.61
N GLY A 22 -7.64 4.69 7.29
CA GLY A 22 -7.50 5.92 6.52
C GLY A 22 -6.25 6.67 6.95
N TRP A 23 -6.38 7.94 7.31
CA TRP A 23 -5.23 8.71 7.77
C TRP A 23 -4.99 8.47 9.26
N GLN A 24 -5.94 7.82 9.92
CA GLN A 24 -5.74 7.50 11.32
C GLN A 24 -4.87 6.25 11.29
N ASP A 25 -4.33 5.86 12.44
CA ASP A 25 -3.41 4.73 12.47
C ASP A 25 -3.57 3.87 13.72
N SER A 26 -3.00 2.68 13.69
CA SER A 26 -3.03 1.76 14.83
C SER A 26 -1.78 0.89 14.70
N PRO A 27 -1.22 0.45 15.84
CA PRO A 27 -0.01 -0.38 15.86
C PRO A 27 -0.12 -1.78 15.24
N LEU A 28 1.01 -2.30 14.79
CA LEU A 28 1.11 -3.62 14.19
C LEU A 28 0.89 -4.67 15.27
N THR A 29 0.28 -5.79 14.90
CA THR A 29 0.04 -6.88 15.84
C THR A 29 1.28 -7.75 15.85
N GLU A 30 1.28 -8.78 16.70
N GLU A 30 1.29 -8.78 16.69
CA GLU A 30 2.41 -9.70 16.77
CA GLU A 30 2.43 -9.67 16.79
C GLU A 30 2.60 -10.35 15.41
C GLU A 30 2.61 -10.35 15.42
N LYS A 31 1.49 -10.75 14.80
CA LYS A 31 1.53 -11.38 13.49
C LYS A 31 2.10 -10.37 12.48
N GLY A 32 1.62 -9.14 12.54
CA GLY A 32 2.11 -8.10 11.66
C GLY A 32 3.63 -7.97 11.68
N ARG A 33 4.19 -7.82 12.88
CA ARG A 33 5.64 -7.71 13.04
C ARG A 33 6.36 -8.95 12.50
N GLN A 34 5.79 -10.13 12.75
N GLN A 34 5.79 -10.12 12.75
CA GLN A 34 6.37 -11.38 12.27
CA GLN A 34 6.39 -11.37 12.28
C GLN A 34 6.44 -11.38 10.75
C GLN A 34 6.44 -11.38 10.75
N ASP A 35 5.32 -11.02 10.12
CA ASP A 35 5.26 -10.98 8.66
C ASP A 35 6.27 -9.99 8.10
N ALA A 36 6.35 -8.82 8.74
CA ALA A 36 7.28 -7.78 8.33
C ALA A 36 8.72 -8.27 8.44
N MET A 37 8.99 -9.11 9.44
CA MET A 37 10.34 -9.62 9.59
C MET A 37 10.59 -10.68 8.51
N ARG A 38 9.59 -11.50 8.23
CA ARG A 38 9.72 -12.51 7.20
C ARG A 38 10.09 -11.81 5.89
N LEU A 39 9.48 -10.65 5.64
CA LEU A 39 9.74 -9.90 4.41
C LEU A 39 11.17 -9.37 4.40
N GLY A 40 11.63 -8.91 5.56
CA GLY A 40 12.98 -8.39 5.67
C GLY A 40 14.02 -9.44 5.34
N LYS A 41 13.74 -10.68 5.73
CA LYS A 41 14.67 -11.77 5.46
C LYS A 41 14.66 -12.06 3.96
N ARG A 42 13.47 -12.06 3.37
CA ARG A 42 13.33 -12.31 1.93
C ARG A 42 14.12 -11.30 1.09
N LEU A 43 14.16 -10.05 1.55
CA LEU A 43 14.86 -9.00 0.82
C LEU A 43 16.29 -8.74 1.25
N GLU A 44 16.82 -9.55 2.16
N GLU A 44 16.83 -9.57 2.15
CA GLU A 44 18.20 -9.37 2.64
CA GLU A 44 18.19 -9.40 2.64
C GLU A 44 19.24 -9.41 1.52
C GLU A 44 19.23 -9.38 1.52
N ALA A 45 18.95 -10.12 0.45
CA ALA A 45 19.87 -10.20 -0.69
C ALA A 45 19.67 -9.09 -1.72
N VAL A 46 18.49 -8.46 -1.68
CA VAL A 46 18.20 -7.39 -2.63
C VAL A 46 18.90 -6.10 -2.25
N GLU A 47 19.61 -5.51 -3.21
N GLU A 47 19.63 -5.52 -3.21
CA GLU A 47 20.36 -4.28 -2.98
CA GLU A 47 20.35 -4.27 -2.98
C GLU A 47 19.45 -3.04 -3.06
C GLU A 47 19.45 -3.04 -3.06
N LEU A 48 18.81 -2.71 -1.95
CA LEU A 48 17.92 -1.56 -1.89
C LEU A 48 18.72 -0.28 -1.66
N ALA A 49 18.52 0.71 -2.53
CA ALA A 49 19.22 1.98 -2.39
C ALA A 49 18.48 2.90 -1.42
N ALA A 50 17.18 2.67 -1.28
CA ALA A 50 16.35 3.47 -0.39
C ALA A 50 15.01 2.80 -0.15
N ILE A 51 14.30 3.29 0.85
CA ILE A 51 12.96 2.79 1.19
C ILE A 51 12.05 3.98 1.37
N TYR A 52 10.93 3.97 0.64
CA TYR A 52 9.97 5.07 0.74
C TYR A 52 8.72 4.55 1.44
N THR A 53 8.16 5.36 2.32
CA THR A 53 6.98 4.96 3.07
C THR A 53 6.03 6.15 3.21
N SER A 54 4.79 5.88 3.59
CA SER A 54 3.85 6.96 3.82
C SER A 54 4.21 7.46 5.22
N THR A 55 3.61 8.57 5.64
CA THR A 55 3.88 9.11 6.96
C THR A 55 3.09 8.41 8.07
N SER A 56 2.39 7.33 7.73
CA SER A 56 1.61 6.60 8.72
C SER A 56 2.46 5.71 9.62
N GLY A 57 2.10 5.67 10.90
CA GLY A 57 2.84 4.86 11.84
C GLY A 57 3.02 3.41 11.42
N ARG A 58 1.93 2.78 10.96
CA ARG A 58 2.00 1.37 10.57
C ARG A 58 2.91 1.13 9.37
N ALA A 59 2.96 2.09 8.46
CA ALA A 59 3.82 1.97 7.28
C ALA A 59 5.28 2.10 7.71
N LEU A 60 5.57 3.11 8.51
CA LEU A 60 6.94 3.33 8.98
C LEU A 60 7.46 2.16 9.82
N GLU A 61 6.62 1.67 10.74
CA GLU A 61 7.00 0.57 11.61
C GLU A 61 7.35 -0.65 10.77
N THR A 62 6.56 -0.89 9.72
CA THR A 62 6.80 -2.03 8.82
C THR A 62 8.15 -1.85 8.10
N ALA A 63 8.41 -0.63 7.65
CA ALA A 63 9.64 -0.32 6.95
C ALA A 63 10.89 -0.51 7.83
N GLU A 64 10.81 -0.11 9.10
CA GLU A 64 11.95 -0.27 10.00
C GLU A 64 12.26 -1.75 10.22
N ILE A 65 11.22 -2.55 10.44
CA ILE A 65 11.42 -3.98 10.65
C ILE A 65 12.07 -4.64 9.42
N VAL A 66 11.57 -4.28 8.23
CA VAL A 66 12.14 -4.85 7.01
C VAL A 66 13.60 -4.42 6.82
N ARG A 67 13.91 -3.16 7.11
CA ARG A 67 15.28 -2.69 6.98
C ARG A 67 16.16 -3.45 7.96
N GLY A 68 15.63 -3.66 9.17
CA GLY A 68 16.33 -4.40 10.21
C GLY A 68 17.78 -4.05 10.49
N GLY A 69 18.07 -2.76 10.67
CA GLY A 69 19.43 -2.35 10.94
C GLY A 69 20.32 -2.07 9.73
N ARG A 70 19.92 -2.55 8.54
CA ARG A 70 20.72 -2.31 7.33
C ARG A 70 20.91 -0.82 7.08
N LEU A 71 22.00 -0.48 6.38
CA LEU A 71 22.29 0.93 6.07
C LEU A 71 21.51 1.37 4.84
N ILE A 72 20.25 1.70 5.03
CA ILE A 72 19.36 2.16 3.95
C ILE A 72 18.49 3.29 4.47
N PRO A 73 18.49 4.43 3.77
CA PRO A 73 17.66 5.54 4.25
C PRO A 73 16.16 5.26 4.07
N ILE A 74 15.35 5.86 4.93
CA ILE A 74 13.90 5.74 4.85
C ILE A 74 13.38 7.16 4.63
N TYR A 75 12.63 7.37 3.56
CA TYR A 75 12.06 8.68 3.25
C TYR A 75 10.54 8.56 3.38
N GLN A 76 9.92 9.56 4.00
CA GLN A 76 8.47 9.56 4.18
C GLN A 76 7.82 10.58 3.24
N ASP A 77 6.71 10.17 2.63
CA ASP A 77 6.00 11.01 1.68
C ASP A 77 4.50 10.91 1.90
N GLU A 78 3.86 12.04 2.18
CA GLU A 78 2.42 12.07 2.42
C GLU A 78 1.61 11.53 1.26
N ARG A 79 2.15 11.62 0.05
CA ARG A 79 1.44 11.15 -1.13
C ARG A 79 1.26 9.64 -1.14
N LEU A 80 1.91 8.94 -0.20
CA LEU A 80 1.81 7.49 -0.13
C LEU A 80 0.83 7.03 0.97
N ARG A 81 0.16 7.99 1.60
CA ARG A 81 -0.83 7.69 2.65
C ARG A 81 -2.05 6.95 2.08
N GLU A 82 -2.69 6.14 2.92
CA GLU A 82 -3.89 5.41 2.52
C GLU A 82 -4.97 6.46 2.21
N ILE A 83 -6.03 6.05 1.53
CA ILE A 83 -7.12 6.96 1.20
C ILE A 83 -7.71 7.61 2.45
N HIS A 84 -7.95 8.91 2.38
CA HIS A 84 -8.54 9.65 3.50
C HIS A 84 -10.04 9.31 3.56
N LEU A 85 -10.46 8.66 4.64
CA LEU A 85 -11.84 8.22 4.81
C LEU A 85 -12.74 9.00 5.79
N GLY A 86 -12.32 10.22 6.16
CA GLY A 86 -13.11 11.04 7.07
C GLY A 86 -13.85 10.34 8.20
N ASP A 87 -15.15 10.58 8.27
CA ASP A 87 -16.01 10.01 9.32
C ASP A 87 -15.94 8.50 9.51
N TRP A 88 -15.51 7.77 8.50
CA TRP A 88 -15.43 6.30 8.59
C TRP A 88 -14.25 5.83 9.41
N GLU A 89 -13.22 6.67 9.52
CA GLU A 89 -12.01 6.29 10.25
C GLU A 89 -12.31 5.98 11.72
N GLY A 90 -11.81 4.84 12.18
CA GLY A 90 -12.03 4.43 13.56
C GLY A 90 -13.27 3.59 13.79
N LYS A 91 -14.12 3.49 12.77
CA LYS A 91 -15.35 2.70 12.89
C LYS A 91 -15.32 1.38 12.16
N THR A 92 -16.11 0.42 12.66
CA THR A 92 -16.20 -0.91 12.07
C THR A 92 -17.10 -0.88 10.84
N HIS A 93 -17.07 -1.97 10.06
CA HIS A 93 -17.89 -2.05 8.86
C HIS A 93 -19.38 -1.94 9.19
N ASP A 94 -19.83 -2.64 10.22
CA ASP A 94 -21.23 -2.58 10.62
C ASP A 94 -21.63 -1.17 11.02
N GLU A 95 -20.76 -0.48 11.75
CA GLU A 95 -21.05 0.88 12.17
C GLU A 95 -21.20 1.78 10.96
N ILE A 96 -20.35 1.54 9.96
CA ILE A 96 -20.38 2.34 8.74
C ILE A 96 -21.62 2.00 7.91
N ARG A 97 -21.99 0.73 7.85
CA ARG A 97 -23.18 0.33 7.11
C ARG A 97 -24.40 1.04 7.71
N GLN A 98 -24.34 1.30 9.02
CA GLN A 98 -25.40 1.99 9.72
C GLN A 98 -25.45 3.47 9.36
N MET A 99 -24.28 4.06 9.14
CA MET A 99 -24.17 5.47 8.78
C MET A 99 -24.56 5.80 7.35
N ASP A 100 -23.76 5.30 6.41
N ASP A 100 -23.77 5.30 6.40
CA ASP A 100 -23.98 5.54 4.98
CA ASP A 100 -24.04 5.55 5.00
C ASP A 100 -23.84 4.26 4.17
C ASP A 100 -23.86 4.28 4.17
N PRO A 101 -24.91 3.45 4.12
CA PRO A 101 -24.93 2.18 3.38
C PRO A 101 -24.63 2.28 1.88
N ILE A 102 -25.18 3.29 1.22
CA ILE A 102 -24.96 3.47 -0.22
C ILE A 102 -23.50 3.74 -0.57
N ALA A 103 -22.90 4.71 0.10
CA ALA A 103 -21.50 5.05 -0.16
C ALA A 103 -20.61 3.86 0.18
N PHE A 104 -20.94 3.14 1.25
CA PHE A 104 -20.16 1.99 1.65
C PHE A 104 -20.25 0.91 0.56
N ASP A 105 -21.44 0.71 0.00
CA ASP A 105 -21.60 -0.29 -1.05
C ASP A 105 -20.76 0.12 -2.27
N HIS A 106 -20.82 1.40 -2.61
CA HIS A 106 -20.05 1.91 -3.74
C HIS A 106 -18.55 1.68 -3.53
N PHE A 107 -18.05 2.04 -2.35
CA PHE A 107 -16.65 1.89 -2.03
C PHE A 107 -16.09 0.54 -2.47
N TRP A 108 -16.84 -0.51 -2.17
CA TRP A 108 -16.45 -1.88 -2.49
C TRP A 108 -16.94 -2.42 -3.83
N GLN A 109 -18.12 -1.98 -4.26
CA GLN A 109 -18.76 -2.46 -5.50
C GLN A 109 -18.75 -1.60 -6.75
N ALA A 110 -18.69 -0.28 -6.56
CA ALA A 110 -18.68 0.63 -7.69
C ALA A 110 -17.80 1.81 -7.32
N PRO A 111 -16.49 1.58 -7.24
CA PRO A 111 -15.48 2.58 -6.90
C PRO A 111 -15.66 3.90 -7.65
N HIS A 112 -15.97 3.81 -8.93
CA HIS A 112 -16.17 5.01 -9.76
C HIS A 112 -17.35 5.86 -9.30
N LEU A 113 -18.24 5.26 -8.52
CA LEU A 113 -19.42 5.97 -8.03
C LEU A 113 -19.22 6.53 -6.61
N TYR A 114 -18.13 6.13 -5.96
CA TYR A 114 -17.83 6.59 -4.60
C TYR A 114 -17.51 8.08 -4.64
N ALA A 115 -18.34 8.88 -3.97
CA ALA A 115 -18.13 10.34 -3.95
C ALA A 115 -18.55 10.93 -2.61
N PRO A 116 -17.66 10.86 -1.60
CA PRO A 116 -17.91 11.38 -0.25
C PRO A 116 -17.83 12.90 -0.14
N GLN A 117 -18.50 13.44 0.86
CA GLN A 117 -18.49 14.88 1.10
C GLN A 117 -17.16 15.24 1.73
N ARG A 118 -16.72 14.37 2.65
N ARG A 118 -16.71 14.39 2.66
CA ARG A 118 -15.45 14.55 3.34
CA ARG A 118 -15.42 14.61 3.32
C ARG A 118 -14.57 13.33 3.08
C ARG A 118 -14.56 13.37 3.11
N GLY A 119 -13.48 13.54 2.37
CA GLY A 119 -12.58 12.44 2.08
C GLY A 119 -12.17 12.45 0.62
N GLU A 120 -11.26 11.54 0.28
CA GLU A 120 -10.79 11.45 -1.09
C GLU A 120 -11.53 10.41 -1.90
N ARG A 121 -11.56 10.64 -3.21
CA ARG A 121 -12.17 9.69 -4.12
C ARG A 121 -10.97 8.87 -4.61
N PHE A 122 -11.24 7.69 -5.16
CA PHE A 122 -10.15 6.85 -5.62
C PHE A 122 -9.23 7.53 -6.63
N CYS A 123 -9.78 8.42 -7.45
CA CYS A 123 -8.98 9.10 -8.45
C CYS A 123 -7.99 10.09 -7.83
N ASP A 124 -8.36 10.68 -6.69
CA ASP A 124 -7.48 11.62 -5.99
C ASP A 124 -6.25 10.84 -5.53
N VAL A 125 -6.51 9.64 -5.02
CA VAL A 125 -5.45 8.77 -4.52
C VAL A 125 -4.53 8.30 -5.66
N GLN A 126 -5.12 7.83 -6.75
CA GLN A 126 -4.33 7.35 -7.89
C GLN A 126 -3.41 8.45 -8.42
N GLN A 127 -3.92 9.66 -8.50
CA GLN A 127 -3.13 10.78 -9.01
C GLN A 127 -1.93 11.15 -8.12
N ARG A 128 -2.14 11.19 -6.80
CA ARG A 128 -1.02 11.54 -5.92
C ARG A 128 -0.05 10.38 -5.76
N ALA A 129 -0.57 9.15 -5.79
CA ALA A 129 0.29 7.98 -5.67
C ALA A 129 1.23 7.86 -6.87
N LEU A 130 0.68 8.10 -8.06
N LEU A 130 0.68 8.10 -8.06
CA LEU A 130 1.47 7.99 -9.28
CA LEU A 130 1.47 8.01 -9.28
C LEU A 130 2.52 9.11 -9.35
C LEU A 130 2.54 9.11 -9.33
N GLU A 131 2.21 10.27 -8.80
N GLU A 131 2.21 10.29 -8.82
CA GLU A 131 3.16 11.38 -8.80
CA GLU A 131 3.16 11.39 -8.81
C GLU A 131 4.33 11.00 -7.91
C GLU A 131 4.34 11.03 -7.89
N ALA A 132 4.02 10.44 -6.74
CA ALA A 132 5.05 10.04 -5.79
C ALA A 132 5.94 8.95 -6.44
N VAL A 133 5.30 7.98 -7.08
CA VAL A 133 6.06 6.92 -7.74
C VAL A 133 6.98 7.50 -8.81
N GLN A 134 6.46 8.41 -9.62
CA GLN A 134 7.27 9.01 -10.68
C GLN A 134 8.45 9.78 -10.08
N SER A 135 8.20 10.52 -9.00
CA SER A 135 9.26 11.28 -8.32
C SER A 135 10.33 10.33 -7.81
N ILE A 136 9.91 9.16 -7.34
CA ILE A 136 10.86 8.18 -6.83
C ILE A 136 11.71 7.65 -7.98
N VAL A 137 11.08 7.29 -9.09
CA VAL A 137 11.81 6.80 -10.25
C VAL A 137 12.80 7.85 -10.72
N ASP A 138 12.35 9.09 -10.80
N ASP A 138 12.36 9.09 -10.80
CA ASP A 138 13.20 10.20 -11.25
CA ASP A 138 13.20 10.20 -11.24
C ASP A 138 14.46 10.36 -10.40
C ASP A 138 14.47 10.33 -10.40
N ARG A 139 14.40 9.94 -9.13
CA ARG A 139 15.55 10.06 -8.23
C ARG A 139 16.38 8.78 -8.11
N HIS A 140 15.93 7.70 -8.76
CA HIS A 140 16.64 6.43 -8.66
C HIS A 140 16.89 5.71 -9.99
N GLU A 141 17.39 6.47 -10.95
CA GLU A 141 17.72 5.92 -12.26
C GLU A 141 18.80 4.85 -12.07
N GLY A 142 18.55 3.66 -12.59
CA GLY A 142 19.52 2.58 -12.47
C GLY A 142 19.60 1.90 -11.13
N GLU A 143 18.66 2.20 -10.24
CA GLU A 143 18.66 1.60 -8.89
C GLU A 143 17.40 0.79 -8.57
N THR A 144 17.42 0.14 -7.41
CA THR A 144 16.30 -0.65 -6.93
C THR A 144 15.87 -0.09 -5.57
N VAL A 145 14.58 0.09 -5.38
CA VAL A 145 14.08 0.61 -4.11
C VAL A 145 12.82 -0.12 -3.64
N LEU A 146 12.45 0.09 -2.38
CA LEU A 146 11.27 -0.52 -1.78
C LEU A 146 10.28 0.56 -1.37
N ILE A 147 9.00 0.32 -1.64
CA ILE A 147 7.95 1.27 -1.28
C ILE A 147 6.94 0.58 -0.37
N VAL A 148 6.79 1.10 0.84
CA VAL A 148 5.85 0.52 1.80
C VAL A 148 4.67 1.47 1.87
N THR A 149 3.52 0.99 1.42
CA THR A 149 2.33 1.83 1.40
C THR A 149 1.08 1.08 1.82
N HIS A 150 -0.06 1.43 1.27
CA HIS A 150 -1.33 0.83 1.68
C HIS A 150 -2.19 0.17 0.59
N GLY A 151 -3.22 -0.57 1.02
CA GLY A 151 -4.12 -1.29 0.12
C GLY A 151 -4.72 -0.54 -1.06
N VAL A 152 -5.48 0.51 -0.78
CA VAL A 152 -6.11 1.28 -1.85
C VAL A 152 -5.06 1.92 -2.75
N VAL A 153 -3.99 2.43 -2.15
CA VAL A 153 -2.93 3.05 -2.92
C VAL A 153 -2.36 2.02 -3.91
N LEU A 154 -2.05 0.83 -3.39
CA LEU A 154 -1.51 -0.23 -4.23
C LEU A 154 -2.45 -0.61 -5.36
N LYS A 155 -3.75 -0.67 -5.06
CA LYS A 155 -4.73 -1.03 -6.06
C LYS A 155 -4.87 0.03 -7.15
N THR A 156 -4.82 1.30 -6.77
CA THR A 156 -4.93 2.37 -7.77
C THR A 156 -3.68 2.34 -8.65
N LEU A 157 -2.54 1.98 -8.06
CA LEU A 157 -1.30 1.91 -8.82
C LEU A 157 -1.28 0.75 -9.81
N MET A 158 -1.75 -0.42 -9.38
CA MET A 158 -1.79 -1.56 -10.29
C MET A 158 -2.73 -1.25 -11.45
N ALA A 159 -3.84 -0.59 -11.14
CA ALA A 159 -4.82 -0.23 -12.14
C ALA A 159 -4.19 0.69 -13.20
N ALA A 160 -3.33 1.61 -12.75
CA ALA A 160 -2.66 2.54 -13.66
C ALA A 160 -1.67 1.78 -14.54
N PHE A 161 -0.86 0.91 -13.93
CA PHE A 161 0.13 0.14 -14.68
C PHE A 161 -0.53 -0.86 -15.63
N LYS A 162 -1.58 -1.54 -15.17
CA LYS A 162 -2.27 -2.53 -16.00
C LYS A 162 -3.26 -1.85 -16.94
N ASP A 163 -3.27 -0.51 -16.90
CA ASP A 163 -4.14 0.28 -17.74
C ASP A 163 -5.61 -0.12 -17.67
N THR A 164 -6.12 -0.33 -16.45
CA THR A 164 -7.52 -0.70 -16.26
C THR A 164 -8.31 0.43 -15.60
N PRO A 165 -9.61 0.53 -15.93
CA PRO A 165 -10.47 1.58 -15.36
C PRO A 165 -10.68 1.38 -13.85
N LEU A 166 -10.84 2.48 -13.13
CA LEU A 166 -11.05 2.42 -11.69
C LEU A 166 -12.28 1.63 -11.25
N ASP A 167 -13.28 1.49 -12.11
CA ASP A 167 -14.45 0.73 -11.72
C ASP A 167 -14.04 -0.73 -11.41
N HIS A 168 -12.91 -1.15 -11.97
CA HIS A 168 -12.41 -2.51 -11.75
C HIS A 168 -11.24 -2.50 -10.76
N LEU A 169 -11.24 -1.49 -9.90
CA LEU A 169 -10.21 -1.30 -8.90
C LEU A 169 -9.93 -2.52 -8.02
N TRP A 170 -10.97 -3.12 -7.47
CA TRP A 170 -10.82 -4.27 -6.59
C TRP A 170 -10.64 -5.62 -7.30
N SER A 171 -9.95 -5.62 -8.43
CA SER A 171 -9.70 -6.86 -9.16
C SER A 171 -8.61 -7.65 -8.43
N PRO A 172 -8.60 -8.98 -8.58
CA PRO A 172 -7.58 -9.80 -7.91
C PRO A 172 -6.20 -9.43 -8.48
N PRO A 173 -5.11 -9.77 -7.75
CA PRO A 173 -5.08 -10.49 -6.48
C PRO A 173 -5.25 -9.57 -5.27
N TYR A 174 -5.57 -10.17 -4.13
CA TYR A 174 -5.73 -9.42 -2.90
C TYR A 174 -4.34 -9.04 -2.41
N MET A 175 -4.17 -7.77 -2.03
CA MET A 175 -2.87 -7.31 -1.54
C MET A 175 -2.75 -7.53 -0.04
N TYR A 176 -2.17 -8.67 0.34
CA TYR A 176 -1.98 -9.01 1.74
C TYR A 176 -0.86 -8.18 2.35
N GLY A 177 -0.88 -8.03 3.67
CA GLY A 177 0.17 -7.28 4.34
C GLY A 177 1.52 -7.91 4.06
N THR A 178 2.53 -7.07 3.81
CA THR A 178 3.89 -7.51 3.51
C THR A 178 4.00 -8.30 2.22
N SER A 179 2.94 -8.31 1.41
CA SER A 179 3.00 -9.04 0.14
C SER A 179 4.00 -8.33 -0.77
N VAL A 180 4.59 -9.08 -1.70
CA VAL A 180 5.58 -8.52 -2.61
C VAL A 180 5.09 -8.32 -4.04
N THR A 181 5.25 -7.09 -4.54
CA THR A 181 4.89 -6.74 -5.91
C THR A 181 6.13 -6.10 -6.52
N ILE A 182 6.51 -6.55 -7.72
CA ILE A 182 7.69 -6.00 -8.36
C ILE A 182 7.36 -5.35 -9.69
N ILE A 183 7.80 -4.11 -9.85
CA ILE A 183 7.56 -3.36 -11.07
C ILE A 183 8.90 -3.00 -11.72
N GLU A 184 9.04 -3.31 -13.00
CA GLU A 184 10.26 -2.98 -13.72
C GLU A 184 9.96 -1.79 -14.61
N VAL A 185 10.69 -0.69 -14.40
CA VAL A 185 10.48 0.51 -15.19
C VAL A 185 11.60 0.65 -16.21
N ASP A 186 11.26 0.44 -17.48
CA ASP A 186 12.25 0.52 -18.55
C ASP A 186 11.65 1.25 -19.75
N GLY A 187 12.45 2.13 -20.37
CA GLY A 187 11.97 2.88 -21.52
C GLY A 187 10.72 3.71 -21.24
N GLY A 188 10.60 4.18 -19.99
CA GLY A 188 9.45 4.98 -19.62
C GLY A 188 8.16 4.18 -19.49
N THR A 189 8.29 2.86 -19.37
CA THR A 189 7.12 1.98 -19.24
C THR A 189 7.17 1.17 -17.94
N PHE A 190 6.01 1.03 -17.29
CA PHE A 190 5.91 0.28 -16.05
C PHE A 190 5.47 -1.15 -16.36
N HIS A 191 6.35 -2.12 -16.13
N HIS A 191 6.35 -2.11 -16.10
CA HIS A 191 6.01 -3.51 -16.39
CA HIS A 191 6.09 -3.51 -16.34
C HIS A 191 5.82 -4.25 -15.07
C HIS A 191 5.81 -4.23 -15.03
N VAL A 192 4.67 -4.89 -14.93
CA VAL A 192 4.36 -5.64 -13.71
C VAL A 192 5.00 -7.01 -13.83
N ALA A 193 6.05 -7.25 -13.04
CA ALA A 193 6.74 -8.54 -13.07
C ALA A 193 6.15 -9.52 -12.08
N VAL A 194 5.92 -9.05 -10.86
CA VAL A 194 5.35 -9.87 -9.79
C VAL A 194 4.25 -9.05 -9.12
N GLU A 195 3.14 -9.70 -8.77
CA GLU A 195 2.05 -9.00 -8.12
C GLU A 195 1.45 -9.71 -6.92
N GLY A 196 1.54 -9.08 -5.76
CA GLY A 196 0.97 -9.63 -4.53
C GLY A 196 1.47 -10.99 -4.07
N ASP A 197 2.75 -11.26 -4.24
CA ASP A 197 3.31 -12.55 -3.83
C ASP A 197 3.41 -12.64 -2.30
N VAL A 198 2.96 -13.77 -1.76
CA VAL A 198 3.01 -13.98 -0.32
C VAL A 198 3.78 -15.26 0.04
N SER A 199 4.71 -15.65 -0.82
CA SER A 199 5.48 -16.86 -0.58
C SER A 199 6.14 -16.91 0.80
N HIS A 200 6.56 -15.75 1.30
CA HIS A 200 7.23 -15.66 2.60
C HIS A 200 6.31 -15.68 3.82
N ILE A 201 5.00 -15.65 3.60
CA ILE A 201 4.07 -15.62 4.73
C ILE A 201 3.42 -16.93 5.15
N GLU A 202 3.54 -17.19 6.45
CA GLU A 202 2.98 -18.39 7.07
C GLU A 202 1.46 -18.45 6.91
N GLU A 203 0.75 -17.76 7.78
CA GLU A 203 -0.71 -17.74 7.75
C GLU A 203 -1.21 -16.48 7.05
N VAL A 204 -1.88 -16.67 5.93
CA VAL A 204 -2.41 -15.56 5.16
C VAL A 204 -3.86 -15.25 5.54
N LYS A 205 -4.09 -14.02 5.99
CA LYS A 205 -5.43 -13.57 6.39
C LYS A 205 -5.94 -12.50 5.43
N GLU A 206 -7.22 -12.55 5.09
CA GLU A 206 -7.79 -11.54 4.19
C GLU A 206 -8.21 -10.33 5.02
N VAL A 207 -7.23 -9.72 5.67
CA VAL A 207 -7.45 -8.55 6.51
C VAL A 207 -6.63 -7.35 6.01
#